data_2BT6
#
_entry.id   2BT6
#
_cell.length_a   50.510
_cell.length_b   56.970
_cell.length_c   79.080
_cell.angle_alpha   90.00
_cell.angle_beta   90.00
_cell.angle_gamma   90.00
#
_symmetry.space_group_name_H-M   'P 21 21 21'
#
loop_
_entity.id
_entity.type
_entity.pdbx_description
1 polymer 'ADRENODOXIN 1'
2 non-polymer 'FE2/S2 (INORGANIC) CLUSTER'
3 non-polymer "(4'-METHYL-2,2'BIPYRIDINE)BIS(2,2'-BIPYRIDINE)"
4 non-polymer 'MAGNESIUM ION'
5 water water
#
_entity_poly.entity_id   1
_entity_poly.type   'polypeptide(L)'
_entity_poly.pdbx_seq_one_letter_code
;GSSGDKITVHFINRDGETLTTKGKIGDSLLDVVVQNNLDIDGFGACEGTLACSTCHLIFEQHIFEKLEAITDEENDMLDL
AYGLTDRSRLGCQICLTKAMDNMTVRVP
;
_entity_poly.pdbx_strand_id   A,B
#
# COMPACT_ATOMS: atom_id res chain seq x y z
N ASP A 5 -5.25 13.51 -26.33
CA ASP A 5 -3.89 13.56 -26.83
C ASP A 5 -3.00 12.63 -26.03
N LYS A 6 -2.00 12.04 -26.69
CA LYS A 6 -1.04 11.20 -26.00
C LYS A 6 0.33 11.86 -25.92
N ILE A 7 1.06 11.55 -24.86
CA ILE A 7 2.43 12.00 -24.67
C ILE A 7 3.31 10.83 -24.30
N THR A 8 4.62 11.04 -24.44
CA THR A 8 5.59 10.03 -24.09
C THR A 8 6.10 10.27 -22.66
N VAL A 9 6.21 9.19 -21.88
CA VAL A 9 6.81 9.25 -20.56
C VAL A 9 7.87 8.18 -20.44
N HIS A 10 9.01 8.57 -19.89
CA HIS A 10 10.08 7.63 -19.59
C HIS A 10 10.11 7.35 -18.10
N PHE A 11 10.15 6.08 -17.77
CA PHE A 11 10.28 5.63 -16.38
C PHE A 11 11.64 4.98 -16.18
N ILE A 12 12.48 5.53 -15.29
CA ILE A 12 13.67 4.81 -14.86
C ILE A 12 13.25 3.90 -13.70
N ASN A 13 13.34 2.61 -13.94
CA ASN A 13 12.91 1.61 -12.99
C ASN A 13 13.98 1.43 -11.89
N ARG A 14 13.66 0.71 -10.83
CA ARG A 14 14.63 0.59 -9.75
C ARG A 14 15.77 -0.35 -10.06
N ASP A 15 15.72 -1.02 -11.22
CA ASP A 15 16.85 -1.74 -11.74
C ASP A 15 17.72 -0.93 -12.72
N GLY A 16 17.44 0.38 -12.78
CA GLY A 16 18.19 1.31 -13.62
C GLY A 16 17.84 1.30 -15.09
N GLU A 17 16.86 0.49 -15.49
CA GLU A 17 16.44 0.43 -16.91
C GLU A 17 15.38 1.47 -17.17
N THR A 18 15.33 1.97 -18.39
CA THR A 18 14.34 2.94 -18.78
C THR A 18 13.23 2.25 -19.57
N LEU A 19 11.99 2.48 -19.13
CA LEU A 19 10.79 1.98 -19.81
C LEU A 19 10.10 3.18 -20.41
N THR A 20 9.91 3.16 -21.71
CA THR A 20 9.29 4.27 -22.41
C THR A 20 7.92 3.83 -22.88
N THR A 21 6.92 4.70 -22.64
CA THR A 21 5.55 4.39 -23.00
C THR A 21 4.79 5.67 -23.29
N LYS A 22 3.55 5.53 -23.72
CA LYS A 22 2.65 6.67 -23.98
C LYS A 22 1.51 6.65 -22.98
N GLY A 23 1.11 7.85 -22.56
CA GLY A 23 -0.07 8.01 -21.74
C GLY A 23 -0.95 9.10 -22.31
N LYS A 24 -2.20 9.11 -21.89
CA LYS A 24 -3.18 10.08 -22.30
C LYS A 24 -3.21 11.27 -21.33
N ILE A 25 -3.34 12.46 -21.88
CA ILE A 25 -3.55 13.66 -21.08
C ILE A 25 -4.69 13.40 -20.14
N GLY A 26 -4.48 13.70 -18.85
CA GLY A 26 -5.49 13.50 -17.83
C GLY A 26 -5.39 12.21 -17.05
N ASP A 27 -4.67 11.23 -17.58
CA ASP A 27 -4.47 9.95 -16.89
C ASP A 27 -3.48 10.18 -15.76
N SER A 28 -3.61 9.42 -14.69
CA SER A 28 -2.57 9.47 -13.64
C SER A 28 -1.35 8.68 -14.04
N LEU A 29 -0.23 8.94 -13.38
CA LEU A 29 0.97 8.13 -13.67
C LEU A 29 0.78 6.68 -13.26
N LEU A 30 -0.07 6.40 -12.28
CA LEU A 30 -0.44 5.02 -12.00
C LEU A 30 -1.20 4.41 -13.18
N ASP A 31 -2.16 5.11 -13.75
CA ASP A 31 -2.88 4.62 -14.93
C ASP A 31 -1.89 4.27 -16.04
N VAL A 32 -0.87 5.10 -16.23
CA VAL A 32 0.12 4.84 -17.28
C VAL A 32 0.85 3.53 -17.02
N VAL A 33 1.26 3.30 -15.77
CA VAL A 33 1.95 2.06 -15.43
C VAL A 33 1.05 0.85 -15.62
N VAL A 34 -0.18 0.93 -15.12
CA VAL A 34 -1.13 -0.16 -15.19
C VAL A 34 -1.56 -0.48 -16.62
N GLN A 35 -1.96 0.55 -17.34
CA GLN A 35 -2.58 0.35 -18.68
C GLN A 35 -1.57 -0.18 -19.66
N ASN A 36 -0.30 0.22 -19.43
CA ASN A 36 0.81 -0.27 -20.28
C ASN A 36 1.57 -1.47 -19.74
N ASN A 37 1.09 -2.04 -18.66
CA ASN A 37 1.67 -3.27 -18.10
C ASN A 37 3.18 -3.11 -17.84
N LEU A 38 3.57 -1.97 -17.29
CA LEU A 38 5.00 -1.73 -17.08
C LEU A 38 5.46 -2.59 -15.91
N ASP A 39 6.62 -3.19 -16.11
CA ASP A 39 7.16 -4.13 -15.11
C ASP A 39 7.93 -3.36 -14.05
N ILE A 40 7.19 -2.71 -13.18
CA ILE A 40 7.72 -2.01 -12.02
C ILE A 40 7.20 -2.73 -10.78
N ASP A 41 8.10 -3.44 -10.09
CA ASP A 41 7.76 -4.35 -8.98
C ASP A 41 7.00 -3.64 -7.89
N GLY A 42 5.78 -4.08 -7.61
CA GLY A 42 5.02 -3.56 -6.50
C GLY A 42 4.40 -2.20 -6.67
N PHE A 43 4.51 -1.59 -7.84
CA PHE A 43 4.03 -0.22 -8.05
C PHE A 43 2.53 -0.13 -8.02
N GLY A 44 2.00 0.76 -7.19
CA GLY A 44 0.57 1.00 -7.18
C GLY A 44 -0.27 0.05 -6.38
N ALA A 45 0.33 -0.49 -5.32
CA ALA A 45 -0.33 -1.50 -4.50
C ALA A 45 -1.79 -1.19 -4.15
N CYS A 46 -2.05 0.01 -3.64
CA CYS A 46 -3.39 0.35 -3.13
C CYS A 46 -4.36 0.86 -4.19
N GLU A 47 -3.91 0.91 -5.42
CA GLU A 47 -4.78 1.25 -6.57
C GLU A 47 -5.23 2.71 -6.54
N GLY A 48 -4.33 3.56 -6.07
CA GLY A 48 -4.48 4.99 -6.20
C GLY A 48 -5.34 5.65 -5.16
N THR A 49 -5.40 5.05 -3.97
CA THR A 49 -6.31 5.48 -2.90
C THR A 49 -5.61 6.10 -1.68
N LEU A 50 -4.32 6.45 -1.80
CA LEU A 50 -3.55 7.08 -0.70
C LEU A 50 -3.46 6.22 0.54
N ALA A 51 -3.30 4.92 0.31
CA ALA A 51 -3.12 3.98 1.40
C ALA A 51 -1.81 3.21 1.29
N CYS A 52 -0.90 3.73 0.47
CA CYS A 52 0.42 3.12 0.30
C CYS A 52 1.42 4.17 -0.16
N SER A 53 2.69 3.79 -0.18
CA SER A 53 3.74 4.65 -0.68
C SER A 53 4.37 4.10 -1.93
N THR A 54 3.75 3.08 -2.53
CA THR A 54 4.43 2.28 -3.54
C THR A 54 4.41 2.89 -4.95
N CYS A 55 3.60 3.94 -5.15
CA CYS A 55 3.57 4.67 -6.43
C CYS A 55 4.47 5.91 -6.44
N HIS A 56 5.35 6.01 -5.44
CA HIS A 56 6.33 7.10 -5.31
C HIS A 56 7.18 7.20 -6.57
N LEU A 57 7.20 8.40 -7.13
CA LEU A 57 8.09 8.74 -8.22
C LEU A 57 8.89 9.99 -7.93
N ILE A 58 10.10 10.00 -8.43
CA ILE A 58 11.00 11.14 -8.40
C ILE A 58 10.99 11.86 -9.76
N PHE A 59 10.71 13.15 -9.73
CA PHE A 59 10.51 13.97 -10.91
C PHE A 59 11.73 14.82 -11.22
N GLU A 60 11.82 15.30 -12.46
CA GLU A 60 12.76 16.34 -12.80
C GLU A 60 12.29 17.63 -12.14
N GLN A 61 13.24 18.44 -11.67
CA GLN A 61 12.88 19.66 -10.92
C GLN A 61 11.92 20.55 -11.68
N HIS A 62 12.17 20.77 -12.96
CA HIS A 62 11.32 21.68 -13.74
C HIS A 62 9.87 21.21 -13.89
N ILE A 63 9.68 19.90 -13.94
CA ILE A 63 8.33 19.33 -13.94
C ILE A 63 7.69 19.45 -12.56
N PHE A 64 8.44 19.05 -11.55
CA PHE A 64 7.97 19.04 -10.17
C PHE A 64 7.38 20.38 -9.74
N GLU A 65 8.02 21.45 -10.13
CA GLU A 65 7.63 22.76 -9.61
C GLU A 65 6.32 23.24 -10.18
N LYS A 66 5.83 22.59 -11.22
CA LYS A 66 4.54 22.95 -11.82
C LYS A 66 3.43 21.94 -11.59
N LEU A 67 3.69 20.95 -10.73
CA LEU A 67 2.65 19.99 -10.36
C LEU A 67 1.63 20.62 -9.45
N GLU A 68 0.46 19.97 -9.38
CA GLU A 68 -0.61 20.48 -8.54
C GLU A 68 -0.21 20.44 -7.07
N ALA A 69 -0.76 21.36 -6.29
CA ALA A 69 -0.36 21.49 -4.89
C ALA A 69 -0.61 20.19 -4.14
N ILE A 70 0.37 19.77 -3.35
CA ILE A 70 0.27 18.53 -2.62
C ILE A 70 -0.73 18.67 -1.47
N THR A 71 -1.52 17.62 -1.25
CA THR A 71 -2.46 17.61 -0.12
C THR A 71 -1.75 17.07 1.12
N ASP A 72 -2.30 17.39 2.28
CA ASP A 72 -1.75 16.86 3.54
C ASP A 72 -1.81 15.36 3.55
N GLU A 73 -2.87 14.79 2.98
CA GLU A 73 -3.04 13.34 2.95
C GLU A 73 -1.94 12.68 2.14
N GLU A 74 -1.64 13.24 0.98
CA GLU A 74 -0.56 12.72 0.18
C GLU A 74 0.76 12.91 0.91
N ASN A 75 0.98 14.09 1.48
CA ASN A 75 2.25 14.41 2.09
C ASN A 75 2.58 13.50 3.28
N ASP A 76 1.56 13.18 4.08
CA ASP A 76 1.76 12.34 5.24
C ASP A 76 2.24 10.95 4.86
N MET A 77 1.69 10.40 3.77
CA MET A 77 2.05 9.07 3.28
C MET A 77 3.42 9.11 2.61
N LEU A 78 3.59 10.13 1.77
CA LEU A 78 4.83 10.33 1.06
C LEU A 78 6.01 10.47 2.00
N ASP A 79 5.79 11.10 3.16
CA ASP A 79 6.83 11.20 4.21
C ASP A 79 7.44 9.86 4.60
N LEU A 80 6.66 8.78 4.45
CA LEU A 80 7.11 7.43 4.86
C LEU A 80 7.78 6.65 3.73
N ALA A 81 7.87 7.26 2.55
CA ALA A 81 8.37 6.53 1.36
C ALA A 81 9.88 6.32 1.42
N TYR A 82 10.32 5.14 1.00
CA TYR A 82 11.75 4.89 0.83
C TYR A 82 12.31 5.82 -0.24
N GLY A 83 13.48 6.39 0.04
CA GLY A 83 14.17 7.21 -0.95
C GLY A 83 13.48 8.52 -1.24
N LEU A 84 12.77 9.05 -0.25
CA LEU A 84 12.08 10.32 -0.41
C LEU A 84 13.08 11.43 -0.78
N THR A 85 12.70 12.21 -1.77
CA THR A 85 13.45 13.37 -2.22
C THR A 85 12.57 14.64 -2.13
N ASP A 86 13.20 15.79 -2.35
CA ASP A 86 12.46 17.06 -2.48
C ASP A 86 11.79 17.24 -3.85
N ARG A 87 11.84 16.20 -4.69
CA ARG A 87 11.19 16.21 -6.00
C ARG A 87 10.29 14.98 -6.13
N SER A 88 9.80 14.46 -5.00
CA SER A 88 9.01 13.24 -4.93
C SER A 88 7.50 13.52 -4.85
N ARG A 89 6.71 12.69 -5.52
CA ARG A 89 5.25 12.67 -5.35
C ARG A 89 4.76 11.24 -5.40
N LEU A 90 3.55 11.03 -4.90
CA LEU A 90 2.84 9.80 -5.15
C LEU A 90 2.23 9.88 -6.55
N GLY A 91 2.75 9.04 -7.46
CA GLY A 91 2.38 9.05 -8.86
C GLY A 91 0.90 8.93 -9.14
N CYS A 92 0.14 8.24 -8.29
CA CYS A 92 -1.29 8.07 -8.55
C CYS A 92 -2.07 9.40 -8.39
N GLN A 93 -1.41 10.42 -7.82
CA GLN A 93 -2.01 11.72 -7.62
C GLN A 93 -1.71 12.70 -8.73
N ILE A 94 -0.79 12.31 -9.61
CA ILE A 94 -0.30 13.22 -10.65
C ILE A 94 -0.87 12.84 -12.00
N CYS A 95 -1.62 13.79 -12.59
CA CYS A 95 -2.23 13.54 -13.89
CA CYS A 95 -2.31 13.64 -13.88
C CYS A 95 -1.47 14.23 -15.01
N LEU A 96 -1.40 13.56 -16.15
CA LEU A 96 -0.56 14.01 -17.25
C LEU A 96 -1.09 15.28 -17.90
N THR A 97 -0.16 16.18 -18.20
CA THR A 97 -0.40 17.36 -19.00
C THR A 97 0.61 17.39 -20.13
N LYS A 98 0.36 18.26 -21.11
CA LYS A 98 1.29 18.37 -22.24
C LYS A 98 2.69 18.83 -21.83
N ALA A 99 2.82 19.46 -20.67
CA ALA A 99 4.14 19.87 -20.16
C ALA A 99 5.06 18.69 -19.89
N MET A 100 4.45 17.52 -19.71
CA MET A 100 5.13 16.30 -19.29
C MET A 100 5.59 15.44 -20.46
N ASP A 101 5.32 15.86 -21.70
CA ASP A 101 5.78 15.09 -22.87
C ASP A 101 7.29 14.96 -22.83
N ASN A 102 7.73 13.71 -22.92
CA ASN A 102 9.14 13.35 -22.94
C ASN A 102 9.81 13.49 -21.58
N MET A 103 9.03 13.63 -20.52
CA MET A 103 9.64 13.71 -19.18
C MET A 103 10.14 12.36 -18.75
N THR A 104 11.05 12.39 -17.78
CA THR A 104 11.55 11.18 -17.12
C THR A 104 11.20 11.24 -15.64
N VAL A 105 10.61 10.14 -15.17
CA VAL A 105 10.33 9.93 -13.75
C VAL A 105 11.09 8.69 -13.30
N ARG A 106 11.44 8.61 -12.03
CA ARG A 106 12.28 7.53 -11.54
C ARG A 106 11.65 6.87 -10.30
N VAL A 107 11.76 5.55 -10.29
CA VAL A 107 11.27 4.71 -9.20
C VAL A 107 12.47 4.38 -8.29
N PRO A 108 12.48 4.83 -7.02
CA PRO A 108 13.58 4.49 -6.10
C PRO A 108 13.49 3.11 -5.49
N ASP B 5 -1.29 -26.50 16.77
CA ASP B 5 -0.81 -26.76 15.39
C ASP B 5 -1.54 -25.89 14.36
N LYS B 6 -2.83 -26.15 14.14
CA LYS B 6 -3.64 -25.38 13.20
C LYS B 6 -4.75 -24.66 13.96
N ILE B 7 -4.80 -23.34 13.84
CA ILE B 7 -5.74 -22.56 14.64
C ILE B 7 -6.76 -21.82 13.79
N THR B 8 -7.94 -21.64 14.36
CA THR B 8 -9.07 -21.05 13.68
C THR B 8 -9.06 -19.55 13.89
N VAL B 9 -9.33 -18.80 12.82
CA VAL B 9 -9.44 -17.35 12.92
C VAL B 9 -10.70 -16.91 12.18
N HIS B 10 -11.46 -16.03 12.82
CA HIS B 10 -12.67 -15.47 12.24
C HIS B 10 -12.34 -14.07 11.80
N PHE B 11 -12.52 -13.79 10.52
CA PHE B 11 -12.35 -12.45 9.99
C PHE B 11 -13.73 -11.87 9.70
N ILE B 12 -14.01 -10.72 10.31
CA ILE B 12 -15.18 -9.93 9.95
C ILE B 12 -14.73 -9.00 8.82
N ASN B 13 -15.27 -9.24 7.64
CA ASN B 13 -14.91 -8.50 6.46
C ASN B 13 -15.60 -7.13 6.48
N ARG B 14 -15.16 -6.25 5.60
CA ARG B 14 -15.71 -4.88 5.49
C ARG B 14 -17.19 -4.87 5.14
N ASP B 15 -17.68 -5.96 4.56
CA ASP B 15 -19.09 -6.12 4.20
C ASP B 15 -19.90 -6.74 5.36
N GLY B 16 -19.27 -6.88 6.52
CA GLY B 16 -19.95 -7.40 7.70
C GLY B 16 -20.09 -8.90 7.77
N GLU B 17 -19.55 -9.63 6.79
CA GLU B 17 -19.65 -11.08 6.77
C GLU B 17 -18.47 -11.68 7.51
N THR B 18 -18.73 -12.75 8.26
CA THR B 18 -17.68 -13.47 8.97
C THR B 18 -17.12 -14.59 8.09
N LEU B 19 -15.81 -14.53 7.84
CA LEU B 19 -15.08 -15.54 7.07
C LEU B 19 -14.24 -16.32 8.07
N THR B 20 -14.52 -17.61 8.19
CA THR B 20 -13.80 -18.46 9.13
C THR B 20 -12.85 -19.37 8.37
N THR B 21 -11.60 -19.39 8.81
CA THR B 21 -10.59 -20.21 8.17
C THR B 21 -9.58 -20.69 9.21
N LYS B 22 -8.59 -21.43 8.76
CA LYS B 22 -7.56 -21.95 9.65
C LYS B 22 -6.17 -21.57 9.15
N GLY B 23 -5.28 -21.31 10.10
CA GLY B 23 -3.88 -21.02 9.80
C GLY B 23 -2.97 -21.83 10.69
N LYS B 24 -1.68 -21.84 10.36
CA LYS B 24 -0.68 -22.52 11.16
C LYS B 24 0.06 -21.52 12.02
N ILE B 25 0.43 -21.95 13.23
CA ILE B 25 1.24 -21.15 14.14
C ILE B 25 2.45 -20.65 13.39
N GLY B 26 2.75 -19.37 13.54
CA GLY B 26 3.89 -18.75 12.86
C GLY B 26 3.54 -18.06 11.53
N ASP B 27 2.39 -18.39 10.94
CA ASP B 27 1.93 -17.66 9.74
C ASP B 27 1.52 -16.24 10.14
N SER B 28 1.74 -15.29 9.24
CA SER B 28 1.23 -13.93 9.49
C SER B 28 -0.25 -13.94 9.13
N LEU B 29 -1.00 -12.97 9.66
CA LEU B 29 -2.41 -12.88 9.34
C LEU B 29 -2.62 -12.59 7.85
N LEU B 30 -1.66 -11.92 7.23
CA LEU B 30 -1.71 -11.75 5.77
C LEU B 30 -1.63 -13.11 5.08
N ASP B 31 -0.68 -13.95 5.50
CA ASP B 31 -0.56 -15.29 4.92
C ASP B 31 -1.88 -16.06 5.01
N VAL B 32 -2.56 -15.95 6.15
CA VAL B 32 -3.85 -16.61 6.35
C VAL B 32 -4.87 -16.15 5.30
N VAL B 33 -4.95 -14.85 5.10
CA VAL B 33 -5.88 -14.28 4.13
C VAL B 33 -5.56 -14.73 2.72
N VAL B 34 -4.29 -14.59 2.35
CA VAL B 34 -3.81 -14.89 1.02
C VAL B 34 -3.92 -16.39 0.71
N GLN B 35 -3.33 -17.20 1.58
CA GLN B 35 -3.30 -18.64 1.36
C GLN B 35 -4.68 -19.31 1.31
N ASN B 36 -5.65 -18.73 2.00
CA ASN B 36 -7.04 -19.23 1.97
C ASN B 36 -7.97 -18.49 1.01
N ASN B 37 -7.42 -17.64 0.15
CA ASN B 37 -8.20 -16.94 -0.85
C ASN B 37 -9.43 -16.26 -0.29
N LEU B 38 -9.27 -15.58 0.84
CA LEU B 38 -10.41 -14.90 1.45
C LEU B 38 -10.74 -13.66 0.64
N ASP B 39 -12.02 -13.41 0.43
CA ASP B 39 -12.44 -12.30 -0.41
C ASP B 39 -12.51 -11.01 0.41
N ILE B 40 -11.33 -10.48 0.74
CA ILE B 40 -11.21 -9.21 1.45
C ILE B 40 -10.59 -8.20 0.48
N ASP B 41 -11.43 -7.35 -0.09
CA ASP B 41 -11.02 -6.43 -1.16
C ASP B 41 -9.84 -5.56 -0.77
N GLY B 42 -8.75 -5.65 -1.52
CA GLY B 42 -7.61 -4.77 -1.34
C GLY B 42 -6.72 -5.08 -0.16
N PHE B 43 -7.01 -6.15 0.57
CA PHE B 43 -6.23 -6.47 1.76
C PHE B 43 -4.82 -6.90 1.40
N GLY B 44 -3.84 -6.33 2.09
CA GLY B 44 -2.46 -6.79 1.95
C GLY B 44 -1.79 -6.39 0.65
N ALA B 45 -2.12 -5.20 0.18
CA ALA B 45 -1.67 -4.66 -1.10
C ALA B 45 -0.15 -4.78 -1.34
N CYS B 46 0.65 -4.36 -0.37
CA CYS B 46 2.10 -4.31 -0.58
C CYS B 46 2.79 -5.64 -0.27
N GLU B 47 2.00 -6.66 0.08
CA GLU B 47 2.52 -8.01 0.27
C GLU B 47 3.46 -8.10 1.47
N GLY B 48 3.10 -7.35 2.52
CA GLY B 48 3.75 -7.51 3.82
C GLY B 48 5.03 -6.73 4.04
N THR B 49 5.21 -5.64 3.30
CA THR B 49 6.50 -4.93 3.31
C THR B 49 6.46 -3.59 4.02
N LEU B 50 5.39 -3.34 4.79
CA LEU B 50 5.23 -2.10 5.56
C LEU B 50 5.22 -0.87 4.68
N ALA B 51 4.62 -0.99 3.50
CA ALA B 51 4.52 0.14 2.59
C ALA B 51 3.08 0.51 2.30
N CYS B 52 2.17 -0.02 3.09
CA CYS B 52 0.74 0.29 2.94
C CYS B 52 0.04 0.15 4.29
N SER B 53 -1.23 0.50 4.34
CA SER B 53 -2.03 0.34 5.55
C SER B 53 -3.22 -0.60 5.31
N THR B 54 -3.18 -1.37 4.23
CA THR B 54 -4.36 -2.10 3.77
C THR B 54 -4.57 -3.44 4.46
N CYS B 55 -3.56 -3.90 5.19
CA CYS B 55 -3.68 -5.11 6.01
C CYS B 55 -4.13 -4.80 7.44
N HIS B 56 -4.53 -3.56 7.70
CA HIS B 56 -5.06 -3.13 8.99
C HIS B 56 -6.16 -4.07 9.49
N LEU B 57 -5.99 -4.58 10.71
CA LEU B 57 -6.99 -5.37 11.41
C LEU B 57 -7.24 -4.80 12.80
N ILE B 58 -8.47 -4.95 13.27
CA ILE B 58 -8.90 -4.51 14.59
C ILE B 58 -9.06 -5.79 15.42
N PHE B 59 -8.39 -5.81 16.58
CA PHE B 59 -8.34 -6.96 17.47
C PHE B 59 -9.23 -6.81 18.69
N GLU B 60 -9.52 -7.95 19.30
CA GLU B 60 -10.14 -7.99 20.62
C GLU B 60 -9.08 -7.53 21.61
N GLN B 61 -9.49 -6.78 22.64
CA GLN B 61 -8.53 -6.24 23.60
C GLN B 61 -7.61 -7.28 24.23
N HIS B 62 -8.16 -8.42 24.64
CA HIS B 62 -7.35 -9.45 25.32
C HIS B 62 -6.28 -10.07 24.42
N ILE B 63 -6.55 -10.13 23.13
CA ILE B 63 -5.56 -10.57 22.15
C ILE B 63 -4.54 -9.46 21.88
N PHE B 64 -5.06 -8.27 21.60
CA PHE B 64 -4.25 -7.11 21.28
C PHE B 64 -3.14 -6.85 22.31
N GLU B 65 -3.49 -6.93 23.58
CA GLU B 65 -2.56 -6.56 24.66
C GLU B 65 -1.40 -7.55 24.80
N LYS B 66 -1.49 -8.72 24.16
CA LYS B 66 -0.42 -9.72 24.19
C LYS B 66 0.37 -9.84 22.88
N LEU B 67 0.09 -8.96 21.93
CA LEU B 67 0.83 -8.99 20.67
C LEU B 67 2.24 -8.47 20.88
N GLU B 68 3.11 -8.78 19.93
CA GLU B 68 4.51 -8.32 19.96
C GLU B 68 4.57 -6.80 19.89
N ALA B 69 5.58 -6.21 20.51
CA ALA B 69 5.68 -4.76 20.58
C ALA B 69 5.70 -4.15 19.18
N ILE B 70 4.90 -3.12 19.01
CA ILE B 70 4.79 -2.44 17.73
C ILE B 70 6.08 -1.65 17.44
N THR B 71 6.55 -1.71 16.19
CA THR B 71 7.73 -0.93 15.77
C THR B 71 7.30 0.46 15.34
N ASP B 72 8.22 1.41 15.39
CA ASP B 72 7.94 2.78 14.92
C ASP B 72 7.53 2.77 13.45
N GLU B 73 8.14 1.90 12.67
CA GLU B 73 7.80 1.80 11.25
C GLU B 73 6.33 1.37 11.03
N GLU B 74 5.87 0.34 11.74
CA GLU B 74 4.48 -0.06 11.66
C GLU B 74 3.58 1.05 12.19
N ASN B 75 3.95 1.63 13.33
CA ASN B 75 3.13 2.68 13.94
C ASN B 75 2.94 3.92 13.04
N ASP B 76 4.00 4.35 12.36
CA ASP B 76 3.89 5.54 11.51
C ASP B 76 2.87 5.30 10.39
N MET B 77 2.87 4.11 9.84
CA MET B 77 1.99 3.75 8.74
C MET B 77 0.58 3.51 9.25
N LEU B 78 0.48 2.77 10.34
CA LEU B 78 -0.80 2.50 10.97
C LEU B 78 -1.53 3.78 11.33
N ASP B 79 -0.79 4.79 11.79
CA ASP B 79 -1.36 6.09 12.11
C ASP B 79 -2.20 6.71 11.00
N LEU B 80 -1.87 6.39 9.75
CA LEU B 80 -2.60 6.94 8.62
C LEU B 80 -3.77 6.04 8.16
N ALA B 81 -4.02 4.93 8.85
CA ALA B 81 -5.02 3.96 8.38
C ALA B 81 -6.43 4.47 8.60
N TYR B 82 -7.33 4.24 7.65
CA TYR B 82 -8.74 4.54 7.85
C TYR B 82 -9.26 3.67 8.98
N GLY B 83 -10.07 4.27 9.85
CA GLY B 83 -10.73 3.51 10.91
C GLY B 83 -9.78 3.03 11.99
N LEU B 84 -8.68 3.75 12.18
CA LEU B 84 -7.72 3.43 13.23
C LEU B 84 -8.41 3.40 14.59
N THR B 85 -8.10 2.34 15.35
CA THR B 85 -8.58 2.16 16.69
C THR B 85 -7.37 1.98 17.63
N ASP B 86 -7.62 2.01 18.94
CA ASP B 86 -6.55 1.68 19.89
C ASP B 86 -6.33 0.16 20.04
N ARG B 87 -6.98 -0.64 19.19
CA ARG B 87 -6.77 -2.09 19.11
C ARG B 87 -6.37 -2.55 17.70
N SER B 88 -5.78 -1.62 16.94
CA SER B 88 -5.40 -1.82 15.55
C SER B 88 -3.96 -2.22 15.40
N ARG B 89 -3.72 -3.13 14.46
CA ARG B 89 -2.36 -3.45 14.00
C ARG B 89 -2.37 -3.69 12.50
N LEU B 90 -1.19 -3.62 11.89
CA LEU B 90 -1.02 -4.06 10.51
C LEU B 90 -0.85 -5.57 10.54
N GLY B 91 -1.83 -6.28 9.98
CA GLY B 91 -1.93 -7.73 10.11
C GLY B 91 -0.75 -8.51 9.54
N CYS B 92 -0.09 -7.98 8.51
CA CYS B 92 1.10 -8.66 7.95
C CYS B 92 2.25 -8.71 8.94
N GLN B 93 2.17 -7.93 10.04
CA GLN B 93 3.21 -7.90 11.06
C GLN B 93 2.91 -8.86 12.24
N ILE B 94 1.71 -9.43 12.24
CA ILE B 94 1.23 -10.23 13.35
C ILE B 94 1.27 -11.71 12.97
N CYS B 95 2.05 -12.48 13.72
CA CYS B 95 2.14 -13.92 13.43
CA CYS B 95 2.26 -13.90 13.49
C CYS B 95 1.33 -14.74 14.41
N LEU B 96 0.71 -15.81 13.89
CA LEU B 96 -0.26 -16.60 14.68
C LEU B 96 0.37 -17.33 15.85
N THR B 97 -0.32 -17.29 16.98
CA THR B 97 0.04 -18.04 18.17
C THR B 97 -1.17 -18.88 18.60
N LYS B 98 -0.94 -19.87 19.47
CA LYS B 98 -2.05 -20.71 19.94
C LYS B 98 -3.10 -19.90 20.70
N ALA B 99 -2.65 -18.85 21.38
CA ALA B 99 -3.54 -17.92 22.08
C ALA B 99 -4.60 -17.32 21.17
N MET B 100 -4.34 -17.31 19.87
CA MET B 100 -5.24 -16.69 18.89
C MET B 100 -6.31 -17.64 18.37
N ASP B 101 -6.30 -18.88 18.84
CA ASP B 101 -7.25 -19.86 18.34
C ASP B 101 -8.65 -19.37 18.64
N ASN B 102 -9.50 -19.38 17.62
CA ASN B 102 -10.90 -18.89 17.71
C ASN B 102 -11.06 -17.39 17.94
N MET B 103 -10.00 -16.61 17.73
CA MET B 103 -10.14 -15.16 17.84
C MET B 103 -10.92 -14.60 16.65
N THR B 104 -11.41 -13.37 16.83
CA THR B 104 -12.06 -12.61 15.78
C THR B 104 -11.28 -11.32 15.55
N VAL B 105 -10.93 -11.07 14.29
CA VAL B 105 -10.33 -9.81 13.84
C VAL B 105 -11.28 -9.19 12.82
N ARG B 106 -11.22 -7.87 12.70
CA ARG B 106 -12.13 -7.15 11.83
C ARG B 106 -11.40 -6.19 10.89
N VAL B 107 -11.92 -6.14 9.66
CA VAL B 107 -11.39 -5.29 8.60
C VAL B 107 -12.27 -4.06 8.52
N PRO B 108 -11.73 -2.86 8.83
CA PRO B 108 -12.57 -1.65 8.74
C PRO B 108 -12.73 -1.12 7.35
#